data_4I3F
#
_entry.id   4I3F
#
_cell.length_a   81.543
_cell.length_b   49.691
_cell.length_c   67.995
_cell.angle_alpha   90.00
_cell.angle_beta   105.89
_cell.angle_gamma   90.00
#
_symmetry.space_group_name_H-M   'C 1 2 1'
#
loop_
_entity.id
_entity.type
_entity.pdbx_description
1 polymer 'serine hydrolase CCSP0084'
2 non-polymer 'CHLORIDE ION'
3 non-polymer 'SODIUM ION'
4 non-polymer DI(HYDROXYETHYL)ETHER
5 water water
#
_entity_poly.entity_id   1
_entity_poly.type   'polypeptide(L)'
_entity_poly.pdbx_seq_one_letter_code
;MGSSHHHHHHSSGRENLYFQGMQTSNIQTGSFNTFLNEAGTDKDTSILLLHGSGPGANAMSNWQYALPFLAENYHCLAPD
IAGFGLSQHNCPPNGTSHWIDIWVQQQIDLLDAKGIEQTHIVGNSMGGGVTLHLLNRHPERFKKAVLMGPVGAPFAPTEG
LTKGWEFYKDPSKEALEYLITKFLFDPSLLGNDIASIAAQRFDNVMKDEVRLQFEAMFSGGTKKGIDAFVLSDDELNNIS
HQMLVTHAREDFFIPLNNAYYLIDRIPNAQLHVFDHCGHWVQIEKKKAFNNLTKLFFDGMFDD
;
_entity_poly.pdbx_strand_id   A
#
# COMPACT_ATOMS: atom_id res chain seq x y z
N GLY A 21 -3.03 11.33 -19.81
CA GLY A 21 -1.78 10.62 -19.59
C GLY A 21 -1.96 9.42 -18.69
N MET A 22 -3.21 9.14 -18.33
CA MET A 22 -3.51 7.99 -17.49
C MET A 22 -4.82 7.35 -17.90
N GLN A 23 -4.83 6.02 -17.94
CA GLN A 23 -6.01 5.27 -18.35
C GLN A 23 -6.58 4.55 -17.15
N THR A 24 -7.90 4.39 -17.14
CA THR A 24 -8.55 3.55 -16.14
C THR A 24 -9.33 2.46 -16.86
N SER A 25 -9.52 1.33 -16.19
CA SER A 25 -10.32 0.25 -16.72
C SER A 25 -10.87 -0.56 -15.56
N ASN A 26 -11.88 -1.36 -15.84
CA ASN A 26 -12.36 -2.34 -14.90
C ASN A 26 -12.06 -3.70 -15.50
N ILE A 27 -11.30 -4.51 -14.78
CA ILE A 27 -10.80 -5.75 -15.33
C ILE A 27 -11.16 -6.92 -14.43
N GLN A 28 -11.66 -7.99 -15.02
CA GLN A 28 -12.09 -9.15 -14.23
C GLN A 28 -10.88 -9.84 -13.60
N THR A 29 -10.89 -9.98 -12.28
CA THR A 29 -9.84 -10.68 -11.58
C THR A 29 -10.50 -11.72 -10.69
N GLY A 30 -10.64 -12.93 -11.23
CA GLY A 30 -11.35 -13.98 -10.51
C GLY A 30 -12.84 -13.68 -10.42
N SER A 31 -13.37 -13.71 -9.20
CA SER A 31 -14.81 -13.63 -9.00
C SER A 31 -15.34 -12.19 -8.92
N PHE A 32 -14.46 -11.21 -9.05
CA PHE A 32 -14.89 -9.81 -8.97
C PHE A 32 -14.10 -8.94 -9.93
N ASN A 33 -14.53 -7.70 -10.13
CA ASN A 33 -13.79 -6.77 -10.97
C ASN A 33 -12.82 -5.88 -10.21
N THR A 34 -11.66 -5.65 -10.80
CA THR A 34 -10.67 -4.74 -10.23
C THR A 34 -10.64 -3.41 -10.99
N PHE A 35 -10.75 -2.30 -10.25
CA PHE A 35 -10.57 -1.00 -10.87
C PHE A 35 -9.08 -0.73 -10.99
N LEU A 36 -8.63 -0.40 -12.19
CA LEU A 36 -7.21 -0.30 -12.47
C LEU A 36 -6.82 1.05 -13.03
N ASN A 37 -5.80 1.68 -12.43
CA ASN A 37 -5.17 2.83 -13.05
C ASN A 37 -3.87 2.40 -13.74
N GLU A 38 -3.63 2.92 -14.95
CA GLU A 38 -2.40 2.61 -15.69
C GLU A 38 -1.76 3.87 -16.28
N ALA A 39 -0.44 3.86 -16.37
CA ALA A 39 0.26 4.91 -17.12
C ALA A 39 1.51 4.30 -17.72
N GLY A 40 2.08 4.97 -18.72
CA GLY A 40 3.29 4.49 -19.36
C GLY A 40 3.06 3.14 -20.01
N THR A 41 1.89 2.96 -20.62
CA THR A 41 1.51 1.64 -21.13
C THR A 41 2.36 1.17 -22.31
N ASP A 42 3.13 2.09 -22.90
CA ASP A 42 4.01 1.75 -24.00
C ASP A 42 5.38 1.26 -23.54
N LYS A 43 5.65 1.36 -22.23
CA LYS A 43 6.96 0.98 -21.70
C LYS A 43 7.12 -0.53 -21.52
N ASP A 44 8.36 -1.01 -21.57
CA ASP A 44 8.63 -2.45 -21.58
C ASP A 44 8.66 -3.09 -20.20
N THR A 45 9.05 -2.33 -19.18
CA THR A 45 9.16 -2.89 -17.83
C THR A 45 8.05 -2.29 -16.96
N SER A 46 7.41 -3.12 -16.16
CA SER A 46 6.27 -2.66 -15.38
C SER A 46 6.55 -2.53 -13.88
N ILE A 47 5.74 -1.69 -13.22
CA ILE A 47 5.73 -1.57 -11.77
C ILE A 47 4.28 -1.68 -11.31
N LEU A 48 4.03 -2.59 -10.37
CA LEU A 48 2.71 -2.74 -9.77
C LEU A 48 2.76 -2.03 -8.43
N LEU A 49 1.87 -1.05 -8.22
CA LEU A 49 1.88 -0.26 -6.99
C LEU A 49 0.66 -0.60 -6.15
N LEU A 50 0.91 -0.98 -4.89
CA LEU A 50 -0.16 -1.44 -4.01
C LEU A 50 -0.33 -0.48 -2.84
N HIS A 51 -1.51 0.13 -2.74
CA HIS A 51 -1.80 1.18 -1.76
C HIS A 51 -1.99 0.67 -0.32
N GLY A 52 -2.14 1.60 0.62
CA GLY A 52 -2.28 1.26 2.03
C GLY A 52 -3.71 1.07 2.50
N SER A 53 -3.93 1.11 3.83
CA SER A 53 -5.24 0.78 4.36
C SER A 53 -5.86 1.87 5.24
N GLY A 54 -5.64 3.13 4.89
CA GLY A 54 -6.38 4.20 5.54
C GLY A 54 -7.85 4.01 5.19
N PRO A 55 -8.77 4.43 6.06
CA PRO A 55 -10.18 4.37 5.66
C PRO A 55 -10.42 5.16 4.37
N GLY A 56 -11.16 4.59 3.43
CA GLY A 56 -11.38 5.26 2.16
C GLY A 56 -10.19 5.22 1.23
N ALA A 57 -9.17 4.43 1.59
CA ALA A 57 -7.99 4.29 0.75
C ALA A 57 -8.35 3.78 -0.65
N ASN A 58 -7.60 4.24 -1.65
CA ASN A 58 -7.67 3.70 -3.00
C ASN A 58 -6.33 3.93 -3.70
N ALA A 59 -6.21 3.46 -4.93
CA ALA A 59 -4.94 3.56 -5.65
C ALA A 59 -4.50 5.01 -5.83
N MET A 60 -5.38 5.83 -6.38
CA MET A 60 -4.97 7.18 -6.73
C MET A 60 -4.63 8.06 -5.54
N SER A 61 -5.32 7.87 -4.41
CA SER A 61 -5.05 8.71 -3.24
C SER A 61 -3.62 8.49 -2.76
N ASN A 62 -3.12 7.27 -2.95
CA ASN A 62 -1.75 6.93 -2.60
C ASN A 62 -0.75 7.33 -3.67
N TRP A 63 -1.08 7.04 -4.93
CA TRP A 63 -0.06 7.02 -5.98
C TRP A 63 -0.17 8.11 -7.03
N GLN A 64 -1.04 9.10 -6.82
CA GLN A 64 -1.24 10.11 -7.86
C GLN A 64 0.00 10.95 -8.17
N TYR A 65 0.96 11.00 -7.25
CA TYR A 65 2.19 11.75 -7.48
C TYR A 65 3.29 10.90 -8.08
N ALA A 66 3.30 9.63 -7.70
CA ALA A 66 4.33 8.70 -8.14
C ALA A 66 4.09 8.24 -9.57
N LEU A 67 2.82 8.06 -9.93
N LEU A 67 2.82 8.08 -9.94
CA LEU A 67 2.46 7.53 -11.26
CA LEU A 67 2.47 7.53 -11.26
C LEU A 67 3.00 8.34 -12.45
C LEU A 67 2.99 8.34 -12.46
N PRO A 68 2.74 9.67 -12.48
CA PRO A 68 3.25 10.43 -13.65
C PRO A 68 4.76 10.41 -13.72
N PHE A 69 5.41 10.42 -12.56
CA PHE A 69 6.86 10.44 -12.53
C PHE A 69 7.44 9.13 -13.04
N LEU A 70 6.96 8.01 -12.49
CA LEU A 70 7.47 6.70 -12.85
C LEU A 70 7.10 6.33 -14.29
N ALA A 71 5.94 6.83 -14.74
CA ALA A 71 5.48 6.51 -16.09
C ALA A 71 6.36 7.04 -17.21
N GLU A 72 7.28 7.96 -16.92
CA GLU A 72 8.22 8.45 -17.91
CA GLU A 72 8.20 8.43 -17.95
C GLU A 72 9.12 7.31 -18.40
N ASN A 73 9.26 6.28 -17.58
CA ASN A 73 10.18 5.19 -17.90
C ASN A 73 9.62 3.80 -17.64
N TYR A 74 8.50 3.73 -16.92
CA TYR A 74 7.93 2.44 -16.53
C TYR A 74 6.44 2.34 -16.81
N HIS A 75 5.99 1.13 -17.14
CA HIS A 75 4.57 0.84 -17.24
C HIS A 75 4.01 0.64 -15.84
N CYS A 76 3.20 1.60 -15.39
CA CYS A 76 2.67 1.54 -14.03
C CYS A 76 1.27 0.98 -13.98
N LEU A 77 1.04 0.02 -13.08
CA LEU A 77 -0.29 -0.49 -12.79
C LEU A 77 -0.60 -0.24 -11.32
N ALA A 78 -1.69 0.48 -11.04
CA ALA A 78 -2.07 0.79 -9.67
C ALA A 78 -3.54 0.47 -9.46
N PRO A 79 -3.83 -0.75 -8.97
CA PRO A 79 -5.24 -1.12 -8.79
C PRO A 79 -5.80 -0.70 -7.43
N ASP A 80 -7.11 -0.49 -7.36
CA ASP A 80 -7.79 -0.49 -6.08
C ASP A 80 -7.73 -1.93 -5.58
N ILE A 81 -7.22 -2.10 -4.37
CA ILE A 81 -7.08 -3.44 -3.79
C ILE A 81 -8.46 -3.92 -3.37
N ALA A 82 -8.69 -5.23 -3.44
CA ALA A 82 -10.01 -5.79 -3.21
C ALA A 82 -10.58 -5.31 -1.88
N GLY A 83 -11.84 -4.90 -1.90
CA GLY A 83 -12.49 -4.37 -0.72
C GLY A 83 -12.34 -2.87 -0.57
N PHE A 84 -11.45 -2.26 -1.36
CA PHE A 84 -11.22 -0.81 -1.28
C PHE A 84 -11.70 -0.17 -2.57
N GLY A 85 -12.10 1.09 -2.49
CA GLY A 85 -12.45 1.88 -3.67
C GLY A 85 -13.45 1.20 -4.57
N LEU A 86 -13.12 1.09 -5.86
CA LEU A 86 -14.02 0.51 -6.84
C LEU A 86 -13.68 -0.94 -7.16
N SER A 87 -13.00 -1.60 -6.23
CA SER A 87 -12.73 -3.03 -6.37
C SER A 87 -13.43 -3.85 -5.28
N GLN A 88 -14.73 -3.59 -5.10
CA GLN A 88 -15.49 -4.32 -4.10
CA GLN A 88 -15.55 -4.33 -4.15
C GLN A 88 -15.52 -5.82 -4.41
N HIS A 89 -15.31 -6.62 -3.37
CA HIS A 89 -15.32 -8.06 -3.50
C HIS A 89 -16.77 -8.53 -3.63
N ASN A 90 -16.96 -9.65 -4.32
CA ASN A 90 -18.29 -10.16 -4.58
C ASN A 90 -18.91 -10.90 -3.39
N CYS A 91 -18.07 -11.38 -2.48
CA CYS A 91 -18.51 -12.17 -1.34
C CYS A 91 -17.48 -11.99 -0.23
N PRO A 92 -17.44 -10.78 0.36
CA PRO A 92 -16.37 -10.44 1.30
C PRO A 92 -16.39 -11.35 2.52
N PRO A 93 -15.25 -11.95 2.84
CA PRO A 93 -15.20 -12.79 4.04
C PRO A 93 -14.85 -11.92 5.25
N ASN A 94 -14.82 -12.52 6.43
CA ASN A 94 -14.27 -11.84 7.59
C ASN A 94 -12.95 -12.48 8.02
N GLY A 95 -12.06 -11.68 8.60
CA GLY A 95 -10.78 -12.18 9.06
C GLY A 95 -9.67 -11.72 8.14
N THR A 96 -8.61 -11.18 8.72
CA THR A 96 -7.54 -10.61 7.93
C THR A 96 -6.82 -11.68 7.10
N SER A 97 -6.61 -12.87 7.66
CA SER A 97 -5.86 -13.89 6.92
C SER A 97 -6.54 -14.22 5.58
N HIS A 98 -7.87 -14.24 5.59
CA HIS A 98 -8.64 -14.54 4.39
C HIS A 98 -8.60 -13.41 3.38
N TRP A 99 -8.48 -12.18 3.85
CA TRP A 99 -8.34 -11.06 2.93
C TRP A 99 -6.95 -11.06 2.30
N ILE A 100 -5.94 -11.43 3.07
CA ILE A 100 -4.60 -11.55 2.49
C ILE A 100 -4.59 -12.57 1.34
N ASP A 101 -5.27 -13.70 1.52
CA ASP A 101 -5.39 -14.69 0.45
C ASP A 101 -6.01 -14.07 -0.81
N ILE A 102 -7.09 -13.33 -0.61
CA ILE A 102 -7.76 -12.60 -1.69
C ILE A 102 -6.86 -11.55 -2.35
N TRP A 103 -6.14 -10.77 -1.53
CA TRP A 103 -5.28 -9.70 -2.04
C TRP A 103 -4.12 -10.25 -2.89
N VAL A 104 -3.54 -11.36 -2.43
CA VAL A 104 -2.47 -12.03 -3.18
C VAL A 104 -3.02 -12.53 -4.52
N GLN A 105 -4.10 -13.29 -4.50
CA GLN A 105 -4.64 -13.84 -5.74
C GLN A 105 -5.10 -12.74 -6.71
N GLN A 106 -5.62 -11.64 -6.16
CA GLN A 106 -6.04 -10.52 -6.99
C GLN A 106 -4.88 -10.01 -7.86
N GLN A 107 -3.69 -9.89 -7.28
CA GLN A 107 -2.58 -9.34 -8.05
C GLN A 107 -2.08 -10.31 -9.10
N ILE A 108 -2.10 -11.60 -8.77
CA ILE A 108 -1.74 -12.62 -9.74
C ILE A 108 -2.75 -12.63 -10.90
N ASP A 109 -4.04 -12.57 -10.55
CA ASP A 109 -5.10 -12.52 -11.56
C ASP A 109 -5.01 -11.26 -12.42
N LEU A 110 -4.55 -10.16 -11.83
CA LEU A 110 -4.34 -8.92 -12.58
C LEU A 110 -3.18 -9.06 -13.58
N LEU A 111 -2.04 -9.55 -13.10
CA LEU A 111 -0.89 -9.75 -13.98
C LEU A 111 -1.21 -10.73 -15.11
N ASP A 112 -1.98 -11.78 -14.80
CA ASP A 112 -2.35 -12.75 -15.82
C ASP A 112 -3.26 -12.10 -16.87
N ALA A 113 -4.17 -11.26 -16.40
CA ALA A 113 -5.13 -10.56 -17.25
C ALA A 113 -4.48 -9.52 -18.16
N LYS A 114 -3.30 -9.05 -17.77
CA LYS A 114 -2.54 -8.07 -18.54
C LYS A 114 -1.42 -8.72 -19.34
N GLY A 115 -1.28 -10.03 -19.22
CA GLY A 115 -0.22 -10.76 -19.92
C GLY A 115 1.18 -10.40 -19.46
N ILE A 116 1.30 -9.98 -18.20
CA ILE A 116 2.60 -9.59 -17.65
C ILE A 116 3.20 -10.74 -16.85
N GLU A 117 4.33 -11.26 -17.30
CA GLU A 117 4.94 -12.40 -16.63
C GLU A 117 5.68 -12.00 -15.35
N GLN A 118 6.46 -10.91 -15.44
CA GLN A 118 7.20 -10.43 -14.28
C GLN A 118 7.07 -8.92 -14.16
N THR A 119 7.00 -8.44 -12.91
CA THR A 119 6.84 -7.02 -12.66
C THR A 119 7.67 -6.56 -11.45
N HIS A 120 8.11 -5.29 -11.46
CA HIS A 120 8.57 -4.67 -10.22
C HIS A 120 7.34 -4.39 -9.37
N ILE A 121 7.54 -4.16 -8.08
CA ILE A 121 6.41 -3.95 -7.18
C ILE A 121 6.73 -2.96 -6.07
N VAL A 122 5.76 -2.12 -5.74
CA VAL A 122 5.87 -1.15 -4.64
C VAL A 122 4.67 -1.36 -3.74
N GLY A 123 4.88 -1.43 -2.44
CA GLY A 123 3.76 -1.59 -1.53
C GLY A 123 3.82 -0.74 -0.28
N ASN A 124 2.72 -0.05 0.01
CA ASN A 124 2.57 0.77 1.20
C ASN A 124 1.79 0.03 2.27
N SER A 125 2.34 -0.06 3.48
CA SER A 125 1.61 -0.60 4.63
C SER A 125 0.99 -1.94 4.32
N MET A 126 -0.34 -1.98 4.34
CA MET A 126 -1.08 -3.18 3.98
CA MET A 126 -1.09 -3.18 3.99
C MET A 126 -0.63 -3.72 2.64
N GLY A 127 -0.48 -2.81 1.66
CA GLY A 127 -0.01 -3.20 0.33
C GLY A 127 1.41 -3.74 0.35
N GLY A 128 2.23 -3.26 1.28
CA GLY A 128 3.57 -3.81 1.48
C GLY A 128 3.50 -5.21 2.06
N GLY A 129 2.54 -5.43 2.95
CA GLY A 129 2.31 -6.77 3.47
C GLY A 129 1.89 -7.73 2.37
N VAL A 130 0.95 -7.29 1.54
CA VAL A 130 0.54 -8.09 0.40
C VAL A 130 1.73 -8.37 -0.51
N THR A 131 2.59 -7.36 -0.69
CA THR A 131 3.81 -7.54 -1.48
C THR A 131 4.67 -8.66 -0.90
N LEU A 132 4.89 -8.65 0.41
CA LEU A 132 5.72 -9.68 1.03
C LEU A 132 5.13 -11.08 0.81
N HIS A 133 3.82 -11.21 0.97
CA HIS A 133 3.18 -12.50 0.71
C HIS A 133 3.21 -12.89 -0.76
N LEU A 134 3.17 -11.91 -1.66
CA LEU A 134 3.31 -12.20 -3.09
C LEU A 134 4.70 -12.74 -3.41
N LEU A 135 5.74 -12.15 -2.82
CA LEU A 135 7.10 -12.61 -3.07
C LEU A 135 7.31 -14.00 -2.50
N ASN A 136 6.63 -14.29 -1.39
CA ASN A 136 6.75 -15.59 -0.76
C ASN A 136 6.03 -16.67 -1.55
N ARG A 137 4.83 -16.34 -2.01
CA ARG A 137 3.95 -17.35 -2.63
C ARG A 137 4.16 -17.50 -4.13
N HIS A 138 4.52 -16.40 -4.79
CA HIS A 138 4.67 -16.38 -6.24
C HIS A 138 5.94 -15.65 -6.66
N PRO A 139 7.11 -16.13 -6.17
CA PRO A 139 8.35 -15.36 -6.36
C PRO A 139 8.71 -15.14 -7.84
N GLU A 140 8.32 -16.06 -8.71
CA GLU A 140 8.70 -15.99 -10.12
C GLU A 140 8.02 -14.84 -10.87
N ARG A 141 7.01 -14.22 -10.27
CA ARG A 141 6.25 -13.19 -10.96
C ARG A 141 6.80 -11.80 -10.66
N PHE A 142 7.86 -11.73 -9.85
CA PHE A 142 8.34 -10.42 -9.39
C PHE A 142 9.84 -10.24 -9.54
N LYS A 143 10.22 -8.98 -9.81
CA LYS A 143 11.61 -8.61 -10.05
C LYS A 143 12.13 -7.91 -8.81
N LYS A 144 12.13 -6.57 -8.81
CA LYS A 144 12.53 -5.82 -7.61
C LYS A 144 11.31 -5.34 -6.83
N ALA A 145 11.50 -5.14 -5.53
CA ALA A 145 10.43 -4.70 -4.65
C ALA A 145 10.84 -3.48 -3.82
N VAL A 146 9.92 -2.54 -3.70
CA VAL A 146 10.07 -1.42 -2.77
C VAL A 146 8.93 -1.48 -1.77
N LEU A 147 9.27 -1.49 -0.48
CA LEU A 147 8.25 -1.40 0.57
C LEU A 147 8.29 0.00 1.17
N MET A 148 7.14 0.47 1.64
CA MET A 148 7.03 1.77 2.28
C MET A 148 6.18 1.61 3.52
N GLY A 149 6.83 1.64 4.68
CA GLY A 149 6.14 1.44 5.95
C GLY A 149 5.28 0.20 5.96
N PRO A 150 5.88 -0.94 5.61
CA PRO A 150 5.09 -2.16 5.42
C PRO A 150 4.65 -2.83 6.72
N VAL A 151 3.47 -3.48 6.69
CA VAL A 151 3.15 -4.46 7.71
C VAL A 151 3.87 -5.75 7.31
N GLY A 152 3.92 -6.74 8.21
CA GLY A 152 4.65 -7.97 7.91
C GLY A 152 5.64 -8.35 8.99
N ALA A 153 5.97 -7.39 9.87
CA ALA A 153 6.78 -7.66 11.05
C ALA A 153 5.88 -7.66 12.28
N PRO A 154 6.27 -8.39 13.33
CA PRO A 154 5.45 -8.40 14.55
C PRO A 154 5.60 -7.11 15.35
N PHE A 155 4.48 -6.54 15.79
CA PHE A 155 4.49 -5.38 16.68
C PHE A 155 3.16 -5.24 17.42
N ALA A 156 3.20 -4.59 18.59
CA ALA A 156 1.97 -4.32 19.32
C ALA A 156 1.21 -3.19 18.63
N PRO A 157 -0.12 -3.21 18.71
CA PRO A 157 -0.88 -2.15 18.03
C PRO A 157 -0.45 -0.76 18.45
N THR A 158 -0.33 0.14 17.48
CA THR A 158 -0.02 1.54 17.73
C THR A 158 -1.33 2.31 17.85
N GLU A 159 -1.25 3.53 18.38
CA GLU A 159 -2.43 4.38 18.48
C GLU A 159 -2.98 4.63 17.08
N GLY A 160 -2.08 4.90 16.15
CA GLY A 160 -2.45 5.20 14.78
C GLY A 160 -3.14 4.05 14.08
N LEU A 161 -2.54 2.86 14.14
CA LEU A 161 -3.12 1.75 13.39
C LEU A 161 -4.44 1.33 14.01
N THR A 162 -4.55 1.47 15.33
CA THR A 162 -5.79 1.14 16.01
C THR A 162 -6.91 2.09 15.57
N LYS A 163 -6.62 3.38 15.56
CA LYS A 163 -7.64 4.36 15.19
C LYS A 163 -8.01 4.24 13.71
N GLY A 164 -7.05 3.80 12.90
CA GLY A 164 -7.29 3.59 11.48
C GLY A 164 -8.14 2.35 11.19
N TRP A 165 -7.65 1.19 11.62
CA TRP A 165 -8.33 -0.07 11.31
C TRP A 165 -9.65 -0.23 12.06
N GLU A 166 -9.81 0.51 13.16
CA GLU A 166 -11.05 0.43 13.93
C GLU A 166 -11.83 1.74 13.85
N PHE A 167 -11.56 2.54 12.83
CA PHE A 167 -12.27 3.80 12.56
C PHE A 167 -13.79 3.67 12.63
N TYR A 168 -14.35 2.63 12.02
CA TYR A 168 -15.80 2.55 11.92
C TYR A 168 -16.53 2.19 13.22
N LYS A 169 -15.80 1.97 14.30
CA LYS A 169 -16.42 1.87 15.62
C LYS A 169 -17.00 3.22 16.03
N ASP A 170 -16.36 4.30 15.58
CA ASP A 170 -16.77 5.66 15.90
C ASP A 170 -16.44 6.60 14.74
N PRO A 171 -17.14 6.45 13.60
CA PRO A 171 -16.78 7.24 12.42
C PRO A 171 -17.31 8.69 12.48
N SER A 172 -16.50 9.62 11.98
CA SER A 172 -16.92 11.02 11.88
C SER A 172 -15.90 11.78 11.04
N LYS A 173 -16.28 12.97 10.56
CA LYS A 173 -15.35 13.83 9.83
C LYS A 173 -14.13 14.13 10.69
N GLU A 174 -14.39 14.39 11.97
CA GLU A 174 -13.33 14.75 12.91
CA GLU A 174 -13.34 14.74 12.91
C GLU A 174 -12.32 13.63 13.08
N ALA A 175 -12.82 12.39 13.20
CA ALA A 175 -11.94 11.24 13.35
C ALA A 175 -11.14 11.01 12.08
N LEU A 176 -11.77 11.22 10.92
CA LEU A 176 -11.08 11.03 9.65
C LEU A 176 -10.02 12.13 9.47
N GLU A 177 -10.35 13.37 9.83
CA GLU A 177 -9.40 14.48 9.78
C GLU A 177 -8.16 14.17 10.63
N TYR A 178 -8.40 13.66 11.84
CA TYR A 178 -7.30 13.28 12.73
C TYR A 178 -6.37 12.25 12.08
N LEU A 179 -6.95 11.23 11.46
CA LEU A 179 -6.16 10.20 10.80
C LEU A 179 -5.34 10.77 9.66
N ILE A 180 -6.01 11.50 8.77
CA ILE A 180 -5.33 12.09 7.62
C ILE A 180 -4.16 12.96 8.08
N THR A 181 -4.40 13.74 9.13
CA THR A 181 -3.38 14.62 9.71
C THR A 181 -2.19 13.81 10.26
N LYS A 182 -2.49 12.67 10.89
CA LYS A 182 -1.44 11.87 11.53
C LYS A 182 -0.60 11.05 10.55
N PHE A 183 -1.09 10.91 9.32
CA PHE A 183 -0.32 10.24 8.28
C PHE A 183 0.87 11.07 7.82
N LEU A 184 0.90 12.34 8.21
CA LEU A 184 2.00 13.22 7.82
C LEU A 184 2.67 13.78 9.07
N PHE A 185 3.97 13.99 8.99
CA PHE A 185 4.69 14.67 10.07
C PHE A 185 4.41 16.17 10.06
N ASP A 186 4.31 16.75 8.85
CA ASP A 186 3.93 18.15 8.68
C ASP A 186 2.66 18.20 7.84
N PRO A 187 1.49 18.27 8.51
CA PRO A 187 0.19 18.22 7.83
C PRO A 187 0.00 19.35 6.81
N SER A 188 0.69 20.47 6.97
CA SER A 188 0.54 21.61 6.05
C SER A 188 0.93 21.27 4.61
N LEU A 189 1.68 20.20 4.42
CA LEU A 189 2.10 19.75 3.09
C LEU A 189 0.88 19.34 2.28
N LEU A 190 -0.18 19.04 2.99
CA LEU A 190 -1.43 18.58 2.38
CA LEU A 190 -1.41 18.59 2.36
C LEU A 190 -2.14 19.71 1.64
N GLY A 191 -2.12 20.89 2.25
CA GLY A 191 -2.80 22.05 1.71
C GLY A 191 -3.25 22.97 2.84
N ASN A 192 -3.78 24.14 2.49
CA ASN A 192 -4.12 25.06 3.56
CA ASN A 192 -4.31 25.17 3.39
C ASN A 192 -5.35 24.71 4.40
N ASP A 193 -6.09 23.66 4.01
CA ASP A 193 -7.33 23.33 4.72
C ASP A 193 -7.59 21.83 4.77
N ILE A 194 -7.20 21.21 5.88
CA ILE A 194 -7.37 19.76 6.06
C ILE A 194 -8.82 19.42 6.43
N ALA A 195 -9.50 20.33 7.10
CA ALA A 195 -10.90 20.12 7.44
C ALA A 195 -11.73 19.97 6.16
N SER A 196 -11.45 20.83 5.18
CA SER A 196 -12.14 20.77 3.88
C SER A 196 -11.84 19.46 3.16
N ILE A 197 -10.60 19.00 3.26
CA ILE A 197 -10.18 17.75 2.63
C ILE A 197 -10.89 16.55 3.28
N ALA A 198 -10.99 16.59 4.60
CA ALA A 198 -11.71 15.55 5.34
C ALA A 198 -13.20 15.58 5.00
N ALA A 199 -13.76 16.78 4.89
CA ALA A 199 -15.16 16.95 4.52
C ALA A 199 -15.51 16.27 3.19
N GLN A 200 -14.62 16.44 2.20
CA GLN A 200 -14.85 15.90 0.86
C GLN A 200 -14.51 14.42 0.78
N ARG A 201 -13.57 13.97 1.62
CA ARG A 201 -13.20 12.56 1.67
C ARG A 201 -14.18 11.73 2.49
N PHE A 202 -14.97 12.40 3.34
CA PHE A 202 -15.85 11.72 4.29
C PHE A 202 -17.04 11.01 3.65
N ASP A 203 -17.70 11.67 2.69
CA ASP A 203 -18.86 11.09 2.01
C ASP A 203 -18.53 9.73 1.40
N ASN A 204 -17.35 9.62 0.77
CA ASN A 204 -16.90 8.38 0.18
C ASN A 204 -16.69 7.30 1.24
N VAL A 205 -16.08 7.70 2.36
CA VAL A 205 -15.79 6.80 3.47
C VAL A 205 -17.04 6.15 4.07
N MET A 206 -18.16 6.86 4.06
CA MET A 206 -19.37 6.38 4.73
C MET A 206 -20.30 5.55 3.86
N LYS A 207 -20.01 5.45 2.56
CA LYS A 207 -20.82 4.60 1.69
C LYS A 207 -20.75 3.14 2.15
N ASP A 208 -21.86 2.42 2.02
CA ASP A 208 -21.86 1.00 2.37
C ASP A 208 -20.89 0.25 1.44
N GLU A 209 -20.71 0.80 0.24
CA GLU A 209 -19.82 0.25 -0.76
C GLU A 209 -18.34 0.52 -0.44
N VAL A 210 -18.08 1.03 0.76
CA VAL A 210 -16.70 1.28 1.22
C VAL A 210 -16.53 0.80 2.66
N ARG A 211 -17.57 1.00 3.47
CA ARG A 211 -17.49 0.71 4.90
C ARG A 211 -17.56 -0.77 5.24
N LEU A 212 -18.52 -1.48 4.67
CA LEU A 212 -18.80 -2.85 5.05
C LEU A 212 -17.60 -3.78 4.84
N GLN A 213 -16.91 -3.62 3.72
CA GLN A 213 -15.79 -4.49 3.45
C GLN A 213 -14.55 -4.14 4.28
N PHE A 214 -14.35 -2.86 4.59
CA PHE A 214 -13.23 -2.46 5.46
C PHE A 214 -13.43 -3.05 6.85
N GLU A 215 -14.65 -3.01 7.34
CA GLU A 215 -14.97 -3.59 8.64
C GLU A 215 -14.68 -5.09 8.67
N ALA A 216 -14.91 -5.74 7.53
CA ALA A 216 -14.73 -7.19 7.45
C ALA A 216 -13.25 -7.58 7.40
N MET A 217 -12.41 -6.71 6.85
CA MET A 217 -10.97 -6.99 6.72
C MET A 217 -10.27 -7.11 8.06
N PHE A 218 -10.70 -6.30 9.02
CA PHE A 218 -10.02 -6.24 10.29
C PHE A 218 -10.98 -6.53 11.43
N SER A 219 -11.93 -7.41 11.15
CA SER A 219 -12.96 -7.80 12.10
C SER A 219 -12.42 -8.50 13.35
N GLY A 220 -11.22 -9.06 13.24
CA GLY A 220 -10.61 -9.73 14.37
C GLY A 220 -9.93 -8.76 15.32
N GLY A 221 -9.89 -7.49 14.92
CA GLY A 221 -9.23 -6.47 15.72
C GLY A 221 -7.84 -6.15 15.19
N THR A 222 -7.21 -5.11 15.73
CA THR A 222 -5.91 -4.67 15.24
C THR A 222 -4.80 -5.71 15.46
N LYS A 223 -4.74 -6.30 16.65
CA LYS A 223 -3.70 -7.28 16.94
C LYS A 223 -3.77 -8.50 16.00
N LYS A 224 -4.96 -9.06 15.83
CA LYS A 224 -5.11 -10.20 14.93
C LYS A 224 -4.78 -9.81 13.48
N GLY A 225 -5.06 -8.57 13.11
CA GLY A 225 -4.74 -8.08 11.78
C GLY A 225 -3.23 -7.96 11.56
N ILE A 226 -2.54 -7.37 12.54
CA ILE A 226 -1.08 -7.30 12.48
C ILE A 226 -0.44 -8.68 12.39
N ASP A 227 -0.84 -9.57 13.31
CA ASP A 227 -0.25 -10.90 13.38
C ASP A 227 -0.48 -11.70 12.09
N ALA A 228 -1.63 -11.51 11.46
CA ALA A 228 -1.98 -12.17 10.20
C ALA A 228 -1.00 -11.87 9.05
N PHE A 229 -0.36 -10.71 9.07
CA PHE A 229 0.58 -10.32 8.02
C PHE A 229 2.00 -10.87 8.22
N VAL A 230 2.29 -11.35 9.43
CA VAL A 230 3.67 -11.69 9.79
C VAL A 230 4.12 -12.99 9.13
N LEU A 231 5.20 -12.93 8.37
CA LEU A 231 5.78 -14.14 7.80
C LEU A 231 6.80 -14.67 8.77
N SER A 232 7.05 -15.98 8.71
CA SER A 232 8.04 -16.63 9.58
C SER A 232 9.45 -16.25 9.15
N ASP A 233 10.43 -16.48 10.01
CA ASP A 233 11.80 -16.14 9.66
C ASP A 233 12.25 -16.90 8.41
N ASP A 234 11.89 -18.19 8.34
CA ASP A 234 12.26 -19.00 7.19
C ASP A 234 11.68 -18.42 5.90
N GLU A 235 10.41 -18.04 5.93
CA GLU A 235 9.76 -17.40 4.78
C GLU A 235 10.48 -16.13 4.36
N LEU A 236 10.76 -15.27 5.33
CA LEU A 236 11.46 -14.01 5.05
C LEU A 236 12.88 -14.27 4.54
N ASN A 237 13.58 -15.23 5.15
CA ASN A 237 14.95 -15.56 4.74
C ASN A 237 14.99 -16.03 3.30
N ASN A 238 13.88 -16.61 2.84
CA ASN A 238 13.82 -17.19 1.51
C ASN A 238 13.17 -16.28 0.46
N ILE A 239 12.86 -15.05 0.85
CA ILE A 239 12.51 -14.04 -0.13
C ILE A 239 13.82 -13.53 -0.71
N SER A 240 14.10 -13.88 -1.97
CA SER A 240 15.41 -13.60 -2.56
C SER A 240 15.46 -12.32 -3.41
N HIS A 241 14.32 -11.68 -3.60
CA HIS A 241 14.25 -10.50 -4.45
C HIS A 241 15.10 -9.34 -3.96
N GLN A 242 15.72 -8.63 -4.90
CA GLN A 242 16.36 -7.36 -4.56
C GLN A 242 15.28 -6.40 -4.07
N MET A 243 15.52 -5.79 -2.90
CA MET A 243 14.46 -5.04 -2.24
C MET A 243 14.97 -3.76 -1.63
N LEU A 244 14.12 -2.75 -1.63
CA LEU A 244 14.36 -1.52 -0.88
C LEU A 244 13.21 -1.31 0.10
N VAL A 245 13.52 -1.31 1.40
CA VAL A 245 12.51 -1.01 2.41
C VAL A 245 12.67 0.44 2.82
N THR A 246 11.62 1.23 2.63
CA THR A 246 11.63 2.63 3.05
C THR A 246 10.70 2.80 4.21
N HIS A 247 11.03 3.73 5.11
CA HIS A 247 10.20 3.93 6.29
C HIS A 247 10.39 5.33 6.83
N ALA A 248 9.32 5.87 7.39
CA ALA A 248 9.40 7.18 8.03
C ALA A 248 9.85 7.01 9.47
N ARG A 249 10.84 7.81 9.87
CA ARG A 249 11.35 7.69 11.23
C ARG A 249 10.23 7.91 12.25
N GLU A 250 9.38 8.90 11.98
CA GLU A 250 8.29 9.25 12.90
C GLU A 250 6.95 8.60 12.58
N ASP A 251 6.95 7.49 11.84
CA ASP A 251 5.72 6.81 11.46
C ASP A 251 4.83 6.56 12.68
N PHE A 252 3.60 7.09 12.63
CA PHE A 252 2.65 7.01 13.74
C PHE A 252 1.79 5.75 13.69
N PHE A 253 1.91 4.99 12.60
CA PHE A 253 1.05 3.82 12.36
C PHE A 253 1.84 2.51 12.43
N ILE A 254 2.94 2.44 11.69
CA ILE A 254 3.79 1.25 11.67
C ILE A 254 5.12 1.63 12.30
N PRO A 255 5.53 0.95 13.38
CA PRO A 255 6.76 1.33 14.09
C PRO A 255 7.99 1.17 13.20
N LEU A 256 8.95 2.08 13.36
CA LEU A 256 10.19 2.02 12.59
C LEU A 256 10.90 0.69 12.82
N ASN A 257 10.75 0.13 14.01
CA ASN A 257 11.38 -1.17 14.30
C ASN A 257 10.99 -2.27 13.33
N ASN A 258 9.84 -2.15 12.67
CA ASN A 258 9.45 -3.15 11.66
C ASN A 258 10.35 -3.18 10.51
N ALA A 259 10.78 -2.00 10.12
CA ALA A 259 11.68 -1.95 8.97
C ALA A 259 12.99 -2.63 9.34
N TYR A 260 13.47 -2.34 10.54
CA TYR A 260 14.71 -2.96 11.02
C TYR A 260 14.57 -4.48 11.11
N TYR A 261 13.41 -4.94 11.55
CA TYR A 261 13.11 -6.37 11.67
C TYR A 261 13.19 -7.03 10.30
N LEU A 262 12.55 -6.40 9.32
CA LEU A 262 12.49 -6.96 7.97
C LEU A 262 13.87 -7.02 7.34
N ILE A 263 14.65 -5.94 7.42
CA ILE A 263 15.97 -5.98 6.78
C ILE A 263 16.94 -6.92 7.50
N ASP A 264 16.66 -7.26 8.76
CA ASP A 264 17.49 -8.22 9.48
C ASP A 264 17.26 -9.64 8.96
N ARG A 265 16.15 -9.84 8.26
CA ARG A 265 15.72 -11.19 7.88
C ARG A 265 15.62 -11.46 6.38
N ILE A 266 15.45 -10.41 5.59
CA ILE A 266 15.35 -10.54 4.14
C ILE A 266 16.75 -10.31 3.53
N PRO A 267 17.29 -11.33 2.84
CA PRO A 267 18.71 -11.27 2.48
C PRO A 267 19.12 -10.09 1.59
N ASN A 268 18.35 -9.79 0.55
CA ASN A 268 18.78 -8.76 -0.40
C ASN A 268 18.06 -7.43 -0.28
N ALA A 269 17.70 -7.09 0.95
CA ALA A 269 16.97 -5.87 1.23
C ALA A 269 17.88 -4.76 1.75
N GLN A 270 17.86 -3.61 1.07
CA GLN A 270 18.47 -2.38 1.60
C GLN A 270 17.42 -1.61 2.37
N LEU A 271 17.85 -0.66 3.19
CA LEU A 271 16.94 0.15 4.00
C LEU A 271 17.16 1.63 3.74
N HIS A 272 16.08 2.42 3.69
CA HIS A 272 16.23 3.86 3.73
C HIS A 272 15.19 4.45 4.68
N VAL A 273 15.64 5.27 5.63
CA VAL A 273 14.73 5.88 6.58
C VAL A 273 14.76 7.40 6.43
N PHE A 274 13.58 8.00 6.29
CA PHE A 274 13.48 9.46 6.16
C PHE A 274 13.13 10.11 7.49
N ASP A 275 13.84 11.18 7.82
CA ASP A 275 13.59 11.96 9.02
C ASP A 275 12.48 12.96 8.77
N HIS A 276 11.86 13.41 9.87
CA HIS A 276 10.77 14.39 9.81
C HIS A 276 9.73 13.95 8.80
N CYS A 277 9.20 12.75 9.00
CA CYS A 277 8.39 12.13 7.99
C CYS A 277 7.30 11.31 8.64
N GLY A 278 6.10 11.39 8.07
CA GLY A 278 5.00 10.55 8.51
C GLY A 278 4.85 9.30 7.66
N HIS A 279 3.91 8.45 8.06
CA HIS A 279 3.66 7.21 7.34
C HIS A 279 3.59 7.33 5.81
N TRP A 280 2.92 8.36 5.32
CA TRP A 280 2.82 8.59 3.88
C TRP A 280 4.08 9.24 3.34
N VAL A 281 5.16 8.47 3.28
CA VAL A 281 6.47 8.96 2.80
C VAL A 281 6.34 9.53 1.39
N GLN A 282 5.51 8.89 0.58
CA GLN A 282 5.37 9.27 -0.83
C GLN A 282 4.64 10.59 -1.04
N ILE A 283 3.91 11.04 -0.01
CA ILE A 283 3.24 12.35 -0.06
C ILE A 283 4.09 13.39 0.64
N GLU A 284 4.68 13.04 1.78
CA GLU A 284 5.46 14.01 2.55
C GLU A 284 6.73 14.40 1.81
N LYS A 285 7.41 13.39 1.27
CA LYS A 285 8.67 13.58 0.54
C LYS A 285 8.47 13.12 -0.89
N LYS A 286 7.57 13.75 -1.63
CA LYS A 286 7.28 13.33 -3.00
C LYS A 286 8.53 13.20 -3.86
N LYS A 287 9.32 14.27 -3.94
CA LYS A 287 10.47 14.22 -4.86
C LYS A 287 11.49 13.19 -4.41
N ALA A 288 11.79 13.15 -3.12
CA ALA A 288 12.80 12.24 -2.61
C ALA A 288 12.37 10.78 -2.77
N PHE A 289 11.12 10.49 -2.42
CA PHE A 289 10.61 9.13 -2.53
C PHE A 289 10.55 8.69 -3.99
N ASN A 290 10.00 9.54 -4.84
CA ASN A 290 9.86 9.24 -6.27
C ASN A 290 11.21 8.96 -6.89
N ASN A 291 12.16 9.82 -6.62
CA ASN A 291 13.51 9.59 -7.14
C ASN A 291 14.21 8.38 -6.56
N LEU A 292 14.13 8.17 -5.24
CA LEU A 292 14.76 6.98 -4.64
C LEU A 292 14.20 5.69 -5.24
N THR A 293 12.88 5.65 -5.38
CA THR A 293 12.18 4.50 -5.94
C THR A 293 12.57 4.25 -7.38
N LYS A 294 12.52 5.30 -8.20
CA LYS A 294 12.88 5.19 -9.61
C LYS A 294 14.32 4.74 -9.79
N LEU A 295 15.24 5.41 -9.09
CA LEU A 295 16.66 5.09 -9.22
C LEU A 295 16.93 3.67 -8.73
N PHE A 296 16.19 3.19 -7.74
CA PHE A 296 16.35 1.81 -7.30
C PHE A 296 15.96 0.84 -8.43
N PHE A 297 14.80 1.06 -9.03
CA PHE A 297 14.38 0.20 -10.14
C PHE A 297 15.30 0.36 -11.35
N ASP A 298 15.88 1.55 -11.50
CA ASP A 298 16.82 1.81 -12.60
C ASP A 298 18.11 1.00 -12.44
N GLY A 299 18.44 0.63 -11.21
CA GLY A 299 19.66 -0.13 -10.96
C GLY A 299 20.77 0.70 -10.37
N MET A 300 20.47 1.93 -9.96
CA MET A 300 21.51 2.81 -9.46
C MET A 300 22.13 2.32 -8.17
N PHE A 301 21.38 1.52 -7.41
CA PHE A 301 21.86 1.07 -6.12
C PHE A 301 22.13 -0.43 -6.11
N ASP A 302 22.33 -0.99 -7.30
CA ASP A 302 22.74 -2.38 -7.45
C ASP A 302 24.12 -2.66 -6.87
N ASP A 303 24.38 -3.93 -6.57
CA ASP A 303 25.72 -4.36 -6.19
C ASP A 303 26.68 -4.05 -7.32
#